data_8K5G
#
_entry.id   8K5G
#
_cell.length_a   1.00
_cell.length_b   1.00
_cell.length_c   1.00
_cell.angle_alpha   90.00
_cell.angle_beta   90.00
_cell.angle_gamma   90.00
#
_symmetry.space_group_name_H-M   'P 1'
#
loop_
_entity.id
_entity.type
_entity.pdbx_description
1 polymer 'UT28K-RD Fab Heavy chain'
2 polymer 'UT28K-RD Fab Light chain'
3 polymer 'Spike protein S1'
#
loop_
_entity_poly.entity_id
_entity_poly.type
_entity_poly.pdbx_seq_one_letter_code
_entity_poly.pdbx_strand_id
1 'polypeptide(L)'
;QMQLVQSGPEVKKPGTSVKVSCKASGFRFSISAVQWVRQARGQRLEWIGWIVVGSGDTNYAQKFQERVTITRDMSTSTAY
MELSSLRFEDTAVYYCAAPYCGGDCSDGFDIWGQGTMVTVSSASTKGPSVFPLAPSSKSTSGGTAALGCLVKDYFPEPVT
VSWNSGALTSGVHTFPAVLQSSGLYSLSSVVTVPSSSLGTQTYICNVNHKPSNTKVDKKVEPKSCDKTHTCPPCPAPEGS
SGHHHHHHHHHH
;
H
2 'polypeptide(L)'
;METPAQLLFLLLLWLPDTTGEIVLTQSPGTLSLSPGERATLSCRASQSVSSSYLAWYQQKPGQAPRLLIYGASSRATGIP
DRFSGSGSGTDFTLTISRLEPEDFAVYYCQQYGNSPWTFGQGTKVEIKRTVAAPSVFIFPPSDEQLKSGTASVVCLLNNF
YPREAKVQWKVDNALQSGNSQESVTEQDSKDSTYSLSSTLTLSKADYEKHKVYACEVTHQGLSSPVTKSFNRGEC
;
L
3 'polypeptide(L)'
;SIVRFPNITNLCPFDEVFNATRFASVYAWNRKRISNCVADYSVLYNLAPFFTFKCYGVSPTKLNDLCFTNVYADSFVIRG
DEVRQIAPGQTGNIADYNYKLPDDFTGCVIAWNSNKLDSKVSGNYNYLYRLFRKSNLKPFERDISTEIYQAGNKPCNGVA
GFNCYFPLRSYSFRPTYGVGHQPYRVVVLSFELLHAPATVCGPKKSTNLVKNKCVNFNFNGLKGT
;
A
#
# COMPACT_ATOMS: atom_id res chain seq x y z
N GLN A 1 -3.85 -0.80 19.32
CA GLN A 1 -4.82 -0.11 18.47
C GLN A 1 -5.60 0.93 19.26
N MET A 2 -5.70 2.14 18.69
CA MET A 2 -6.50 3.20 19.28
C MET A 2 -7.33 3.85 18.19
N GLN A 3 -8.57 4.19 18.52
CA GLN A 3 -9.48 4.79 17.56
C GLN A 3 -8.86 6.03 16.94
N LEU A 4 -8.99 6.14 15.62
CA LEU A 4 -8.32 7.21 14.89
C LEU A 4 -8.81 8.57 15.36
N VAL A 5 -7.87 9.48 15.59
CA VAL A 5 -8.20 10.81 16.05
C VAL A 5 -8.69 11.64 14.87
N GLN A 6 -9.79 12.36 15.07
CA GLN A 6 -10.43 13.08 13.99
C GLN A 6 -10.52 14.56 14.34
N SER A 7 -10.63 15.40 13.31
CA SER A 7 -10.63 16.84 13.49
C SER A 7 -11.88 17.30 14.22
N GLY A 8 -11.93 18.60 14.52
CA GLY A 8 -13.02 19.18 15.27
C GLY A 8 -14.16 19.66 14.39
N PRO A 9 -15.26 20.11 15.02
CA PRO A 9 -16.44 20.51 14.26
C PRO A 9 -16.17 21.73 13.38
N GLU A 10 -16.91 21.82 12.28
CA GLU A 10 -16.73 22.89 11.30
C GLU A 10 -18.08 23.49 10.95
N VAL A 11 -18.10 24.81 10.78
CA VAL A 11 -19.29 25.54 10.34
C VAL A 11 -18.88 26.32 9.09
N LYS A 12 -19.45 25.96 7.96
CA LYS A 12 -19.11 26.58 6.68
C LYS A 12 -20.35 27.23 6.06
N LYS A 13 -20.14 27.88 4.92
CA LYS A 13 -21.19 28.53 4.16
C LYS A 13 -21.26 27.90 2.77
N PRO A 14 -22.45 27.92 2.15
CA PRO A 14 -22.57 27.27 0.84
C PRO A 14 -21.63 27.89 -0.18
N GLY A 15 -21.04 27.02 -1.01
CA GLY A 15 -20.13 27.47 -2.05
C GLY A 15 -18.68 27.09 -1.82
N THR A 16 -18.21 27.18 -0.59
CA THR A 16 -16.80 26.95 -0.28
C THR A 16 -16.56 25.45 -0.10
N SER A 17 -15.35 25.10 0.37
CA SER A 17 -14.94 23.72 0.52
C SER A 17 -14.39 23.48 1.92
N VAL A 18 -14.44 22.22 2.36
CA VAL A 18 -14.00 21.84 3.69
C VAL A 18 -13.07 20.64 3.56
N LYS A 19 -12.21 20.46 4.57
CA LYS A 19 -11.26 19.37 4.62
C LYS A 19 -11.31 18.70 5.98
N VAL A 20 -11.31 17.37 5.99
CA VAL A 20 -11.39 16.58 7.22
C VAL A 20 -10.17 15.67 7.28
N SER A 21 -9.52 15.64 8.44
CA SER A 21 -8.30 14.87 8.65
C SER A 21 -8.54 13.73 9.62
N CYS A 22 -7.86 12.62 9.39
CA CYS A 22 -8.01 11.39 10.19
C CYS A 22 -6.60 10.87 10.48
N LYS A 23 -6.17 11.01 11.73
CA LYS A 23 -4.81 10.64 12.13
C LYS A 23 -4.85 9.28 12.82
N ALA A 24 -3.95 8.39 12.40
CA ALA A 24 -3.91 7.01 12.87
C ALA A 24 -2.61 6.75 13.62
N SER A 25 -2.72 6.17 14.80
CA SER A 25 -1.55 5.78 15.58
C SER A 25 -1.89 4.54 16.41
N GLY A 26 -0.87 3.78 16.76
CA GLY A 26 -1.04 2.57 17.54
C GLY A 26 -0.97 1.28 16.75
N PHE A 27 -1.00 1.35 15.42
CA PHE A 27 -0.94 0.16 14.59
C PHE A 27 -0.19 0.47 13.29
N ARG A 28 0.14 -0.59 12.56
CA ARG A 28 0.89 -0.47 11.32
C ARG A 28 -0.02 0.11 10.24
N PHE A 29 0.18 1.38 9.91
CA PHE A 29 -0.66 2.11 8.98
C PHE A 29 -0.26 1.91 7.52
N SER A 30 0.86 1.24 7.26
CA SER A 30 1.40 1.17 5.91
C SER A 30 0.70 0.13 5.03
N ILE A 31 -0.22 -0.66 5.56
CA ILE A 31 -0.88 -1.71 4.78
C ILE A 31 -2.38 -1.47 4.77
N SER A 32 -2.90 -0.82 5.80
CA SER A 32 -4.33 -0.68 5.98
C SER A 32 -4.93 0.21 4.88
N ALA A 33 -6.26 0.18 4.79
CA ALA A 33 -7.02 1.02 3.89
C ALA A 33 -8.08 1.77 4.68
N VAL A 34 -8.36 3.00 4.26
CA VAL A 34 -9.22 3.90 5.02
C VAL A 34 -10.46 4.22 4.20
N GLN A 35 -11.64 4.04 4.81
CA GLN A 35 -12.91 4.37 4.19
C GLN A 35 -13.60 5.49 4.95
N TRP A 36 -14.37 6.30 4.23
CA TRP A 36 -15.06 7.45 4.81
C TRP A 36 -16.57 7.25 4.70
N VAL A 37 -17.28 7.63 5.76
CA VAL A 37 -18.72 7.42 5.85
C VAL A 37 -19.37 8.72 6.33
N ARG A 38 -20.54 9.04 5.78
CA ARG A 38 -21.31 10.18 6.22
C ARG A 38 -22.63 9.71 6.82
N GLN A 39 -23.08 10.39 7.87
CA GLN A 39 -24.37 10.09 8.48
C GLN A 39 -25.03 11.39 8.92
N ALA A 40 -26.31 11.54 8.57
CA ALA A 40 -27.09 12.68 9.02
C ALA A 40 -27.55 12.43 10.46
N ARG A 41 -28.47 13.25 10.96
CA ARG A 41 -28.99 13.08 12.31
C ARG A 41 -30.15 12.08 12.27
N GLY A 42 -29.96 10.93 12.91
CA GLY A 42 -31.00 9.93 12.96
C GLY A 42 -31.39 9.36 11.61
N GLN A 43 -30.41 9.06 10.77
CA GLN A 43 -30.67 8.49 9.45
C GLN A 43 -29.65 7.40 9.17
N ARG A 44 -29.85 6.72 8.04
CA ARG A 44 -28.99 5.61 7.68
C ARG A 44 -27.59 6.10 7.27
N LEU A 45 -26.63 5.21 7.39
CA LEU A 45 -25.26 5.54 7.01
C LEU A 45 -25.12 5.60 5.49
N GLU A 46 -24.21 6.45 5.02
CA GLU A 46 -23.94 6.62 3.61
C GLU A 46 -22.46 6.41 3.33
N TRP A 47 -22.17 5.89 2.15
CA TRP A 47 -20.80 5.57 1.75
C TRP A 47 -20.27 6.66 0.82
N ILE A 48 -19.04 7.10 1.09
CA ILE A 48 -18.38 8.15 0.29
C ILE A 48 -17.30 7.55 -0.60
N GLY A 49 -16.30 6.91 -0.01
CA GLY A 49 -15.24 6.30 -0.78
C GLY A 49 -14.14 5.78 0.12
N TRP A 50 -13.25 5.02 -0.49
CA TRP A 50 -12.14 4.40 0.23
C TRP A 50 -10.83 4.57 -0.53
N ILE A 51 -9.74 4.48 0.22
CA ILE A 51 -8.40 4.69 -0.33
C ILE A 51 -7.46 3.65 0.27
N VAL A 52 -6.54 3.16 -0.57
CA VAL A 52 -5.44 2.31 -0.14
C VAL A 52 -4.30 3.22 0.32
N VAL A 53 -3.78 2.96 1.53
CA VAL A 53 -2.74 3.83 2.07
C VAL A 53 -1.45 3.68 1.28
N GLY A 54 -1.04 2.44 1.01
CA GLY A 54 0.24 2.23 0.35
C GLY A 54 0.25 2.69 -1.10
N SER A 55 -0.67 2.15 -1.91
CA SER A 55 -0.68 2.47 -3.34
C SER A 55 -1.24 3.85 -3.62
N GLY A 56 -2.19 4.32 -2.81
CA GLY A 56 -2.82 5.60 -3.05
C GLY A 56 -4.05 5.56 -3.94
N ASP A 57 -4.43 4.37 -4.43
CA ASP A 57 -5.60 4.26 -5.28
C ASP A 57 -6.87 4.63 -4.51
N THR A 58 -7.77 5.33 -5.18
CA THR A 58 -9.01 5.79 -4.57
C THR A 58 -10.21 5.24 -5.33
N ASN A 59 -11.32 5.10 -4.61
CA ASN A 59 -12.58 4.71 -5.22
C ASN A 59 -13.70 5.46 -4.55
N TYR A 60 -14.64 5.96 -5.36
CA TYR A 60 -15.75 6.76 -4.87
C TYR A 60 -17.07 6.22 -5.41
N ALA A 61 -18.17 6.76 -4.88
CA ALA A 61 -19.49 6.45 -5.40
C ALA A 61 -19.80 7.33 -6.61
N GLN A 62 -20.84 6.93 -7.35
CA GLN A 62 -21.19 7.68 -8.55
C GLN A 62 -21.82 9.03 -8.25
N LYS A 63 -22.19 9.30 -7.00
CA LYS A 63 -22.73 10.60 -6.64
C LYS A 63 -21.64 11.58 -6.19
N PHE A 64 -20.66 11.09 -5.44
CA PHE A 64 -19.53 11.90 -4.99
C PHE A 64 -18.36 11.86 -5.96
N GLN A 65 -18.61 11.55 -7.23
CA GLN A 65 -17.52 11.31 -8.17
C GLN A 65 -16.69 12.58 -8.40
N GLU A 66 -17.35 13.73 -8.53
CA GLU A 66 -16.68 14.97 -8.90
C GLU A 66 -16.78 16.02 -7.80
N ARG A 67 -16.84 15.62 -6.54
CA ARG A 67 -16.92 16.59 -5.46
C ARG A 67 -15.91 16.31 -4.35
N VAL A 68 -15.57 15.05 -4.13
CA VAL A 68 -14.69 14.66 -3.04
C VAL A 68 -13.33 14.23 -3.59
N THR A 69 -12.28 14.52 -2.83
CA THR A 69 -10.94 14.04 -3.13
C THR A 69 -10.32 13.48 -1.85
N ILE A 70 -9.81 12.25 -1.93
CA ILE A 70 -9.24 11.57 -0.78
C ILE A 70 -7.76 11.36 -1.03
N THR A 71 -6.92 11.85 -0.11
CA THR A 71 -5.47 11.69 -0.19
C THR A 71 -4.96 11.22 1.17
N ARG A 72 -3.65 10.96 1.24
CA ARG A 72 -3.05 10.55 2.51
C ARG A 72 -1.61 11.02 2.56
N ASP A 73 -1.10 11.12 3.78
CA ASP A 73 0.29 11.49 4.04
C ASP A 73 0.92 10.40 4.90
N MET A 74 1.94 9.72 4.34
CA MET A 74 2.56 8.60 5.03
C MET A 74 3.45 9.06 6.17
N SER A 75 4.23 10.13 5.95
CA SER A 75 5.15 10.61 6.99
C SER A 75 4.38 11.07 8.22
N THR A 76 3.31 11.83 8.03
CA THR A 76 2.47 12.25 9.13
C THR A 76 1.51 11.15 9.57
N SER A 77 1.29 10.15 8.71
CA SER A 77 0.34 9.07 8.96
C SER A 77 -1.07 9.62 9.16
N THR A 78 -1.59 10.27 8.12
CA THR A 78 -2.92 10.85 8.15
C THR A 78 -3.63 10.58 6.83
N ALA A 79 -4.96 10.63 6.87
CA ALA A 79 -5.80 10.53 5.68
C ALA A 79 -6.71 11.75 5.62
N TYR A 80 -6.70 12.44 4.49
CA TYR A 80 -7.44 13.67 4.31
C TYR A 80 -8.54 13.48 3.28
N MET A 81 -9.70 14.09 3.54
CA MET A 81 -10.80 14.10 2.58
C MET A 81 -11.26 15.54 2.40
N GLU A 82 -11.25 16.01 1.16
CA GLU A 82 -11.70 17.36 0.84
C GLU A 82 -13.02 17.28 0.09
N LEU A 83 -14.02 17.99 0.59
CA LEU A 83 -15.35 18.05 -0.02
C LEU A 83 -15.61 19.50 -0.45
N SER A 84 -15.90 19.69 -1.73
CA SER A 84 -16.11 21.01 -2.31
C SER A 84 -17.56 21.18 -2.74
N SER A 85 -17.94 22.44 -2.97
CA SER A 85 -19.29 22.81 -3.37
C SER A 85 -20.32 22.32 -2.35
N LEU A 86 -20.14 22.80 -1.13
CA LEU A 86 -21.04 22.44 -0.04
C LEU A 86 -22.45 22.99 -0.29
N ARG A 87 -23.45 22.24 0.15
CA ARG A 87 -24.85 22.61 0.02
C ARG A 87 -25.55 22.42 1.36
N PHE A 88 -26.85 22.73 1.38
CA PHE A 88 -27.62 22.58 2.61
C PHE A 88 -27.73 21.13 3.05
N GLU A 89 -27.62 20.19 2.11
CA GLU A 89 -27.77 18.78 2.40
C GLU A 89 -26.47 18.11 2.84
N ASP A 90 -25.38 18.86 2.94
CA ASP A 90 -24.09 18.28 3.29
C ASP A 90 -23.77 18.36 4.77
N THR A 91 -24.65 18.94 5.59
CA THR A 91 -24.40 19.02 7.02
C THR A 91 -24.65 17.67 7.68
N ALA A 92 -23.61 17.10 8.27
CA ALA A 92 -23.70 15.74 8.81
C ALA A 92 -22.43 15.43 9.60
N VAL A 93 -22.37 14.20 10.12
CA VAL A 93 -21.23 13.72 10.89
C VAL A 93 -20.48 12.70 10.05
N TYR A 94 -19.16 12.86 9.99
CA TYR A 94 -18.29 12.05 9.14
C TYR A 94 -17.44 11.12 10.00
N TYR A 95 -17.36 9.86 9.58
CA TYR A 95 -16.61 8.83 10.28
C TYR A 95 -15.51 8.28 9.39
N CYS A 96 -14.44 7.84 10.03
CA CYS A 96 -13.23 7.32 9.40
C CYS A 96 -12.98 5.91 9.91
N ALA A 97 -12.86 4.95 8.99
CA ALA A 97 -12.75 3.56 9.38
C ALA A 97 -11.53 2.91 8.72
N ALA A 98 -10.85 2.05 9.47
CA ALA A 98 -9.68 1.32 8.99
C ALA A 98 -9.58 0.02 9.76
N PRO A 99 -9.00 -1.03 9.17
CA PRO A 99 -8.84 -2.28 9.90
C PRO A 99 -7.55 -2.29 10.71
N TYR A 100 -7.63 -2.88 11.91
CA TYR A 100 -6.45 -3.06 12.75
C TYR A 100 -5.55 -4.08 12.08
N CYS A 101 -4.49 -3.59 11.42
CA CYS A 101 -3.66 -4.43 10.55
C CYS A 101 -2.22 -4.33 11.02
N GLY A 102 -1.75 -5.37 11.70
CA GLY A 102 -0.37 -5.42 12.14
C GLY A 102 0.48 -6.24 11.19
N GLY A 103 0.85 -7.46 11.60
CA GLY A 103 1.47 -8.38 10.66
C GLY A 103 0.52 -8.94 9.64
N ASP A 104 -0.78 -8.99 9.96
CA ASP A 104 -1.83 -9.39 9.06
C ASP A 104 -3.05 -8.53 9.32
N CYS A 105 -3.73 -8.14 8.24
CA CYS A 105 -4.90 -7.28 8.39
C CYS A 105 -6.05 -8.06 9.02
N SER A 106 -6.98 -7.32 9.62
CA SER A 106 -8.02 -7.91 10.45
C SER A 106 -9.25 -8.36 9.69
N ASP A 107 -9.26 -8.22 8.36
CA ASP A 107 -10.38 -8.67 7.52
C ASP A 107 -11.70 -8.02 7.96
N GLY A 108 -11.66 -6.74 8.27
CA GLY A 108 -12.84 -6.02 8.69
C GLY A 108 -12.51 -4.69 9.32
N PHE A 109 -13.39 -3.70 9.16
CA PHE A 109 -13.14 -2.34 9.66
C PHE A 109 -13.58 -2.28 11.11
N ASP A 110 -12.69 -2.69 12.01
CA ASP A 110 -12.98 -2.74 13.44
C ASP A 110 -12.37 -1.57 14.20
N ILE A 111 -11.85 -0.57 13.51
CA ILE A 111 -11.37 0.66 14.12
C ILE A 111 -12.15 1.82 13.50
N TRP A 112 -12.83 2.60 14.35
CA TRP A 112 -13.67 3.69 13.90
C TRP A 112 -13.32 4.97 14.65
N GLY A 113 -13.37 6.09 13.96
CA GLY A 113 -13.14 7.38 14.58
C GLY A 113 -14.34 7.86 15.36
N GLN A 114 -14.17 8.99 16.03
CA GLN A 114 -15.25 9.54 16.85
C GLN A 114 -16.23 10.38 16.05
N GLY A 115 -15.89 10.76 14.82
CA GLY A 115 -16.80 11.52 13.99
C GLY A 115 -16.64 13.02 14.10
N THR A 116 -16.76 13.73 12.97
CA THR A 116 -16.65 15.17 12.93
C THR A 116 -17.90 15.77 12.30
N MET A 117 -18.48 16.77 12.94
CA MET A 117 -19.72 17.38 12.45
C MET A 117 -19.40 18.60 11.61
N VAL A 118 -20.00 18.67 10.42
CA VAL A 118 -19.90 19.84 9.56
C VAL A 118 -21.30 20.38 9.32
N THR A 119 -21.47 21.68 9.54
CA THR A 119 -22.76 22.35 9.38
C THR A 119 -22.61 23.42 8.30
N VAL A 120 -23.40 23.31 7.24
CA VAL A 120 -23.39 24.27 6.14
C VAL A 120 -24.54 25.23 6.38
N SER A 121 -24.24 26.38 6.97
CA SER A 121 -25.26 27.37 7.32
C SER A 121 -24.89 28.70 6.69
N SER A 122 -25.71 29.72 6.98
CA SER A 122 -25.51 31.06 6.43
C SER A 122 -25.65 32.15 7.48
N ALA A 123 -25.82 31.79 8.75
CA ALA A 123 -25.98 32.78 9.82
C ALA A 123 -24.76 32.79 10.74
N GLU B 21 -25.74 -1.61 -9.15
CA GLU B 21 -25.59 -1.35 -7.73
C GLU B 21 -26.31 -2.40 -6.90
N ILE B 22 -25.69 -2.79 -5.79
CA ILE B 22 -26.26 -3.80 -4.90
C ILE B 22 -27.12 -3.09 -3.86
N VAL B 23 -28.35 -3.56 -3.70
CA VAL B 23 -29.31 -2.97 -2.77
C VAL B 23 -29.60 -3.99 -1.68
N LEU B 24 -29.46 -3.59 -0.42
CA LEU B 24 -29.67 -4.46 0.73
C LEU B 24 -30.97 -4.07 1.42
N THR B 25 -31.82 -5.06 1.68
CA THR B 25 -33.07 -4.86 2.41
C THR B 25 -32.97 -5.57 3.74
N GLN B 26 -33.09 -4.79 4.82
CA GLN B 26 -32.92 -5.30 6.18
C GLN B 26 -34.28 -5.38 6.85
N SER B 27 -34.56 -6.52 7.48
CA SER B 27 -35.84 -6.79 8.11
C SER B 27 -35.63 -7.48 9.44
N PRO B 28 -36.58 -7.35 10.38
CA PRO B 28 -37.77 -6.49 10.33
C PRO B 28 -37.46 -5.03 10.64
N GLY B 29 -38.42 -4.15 10.41
CA GLY B 29 -38.19 -2.73 10.63
C GLY B 29 -37.94 -2.39 12.09
N THR B 30 -38.69 -3.00 13.00
CA THR B 30 -38.56 -2.71 14.42
C THR B 30 -38.88 -3.96 15.22
N LEU B 31 -38.08 -4.21 16.25
CA LEU B 31 -38.24 -5.36 17.12
C LEU B 31 -38.58 -4.89 18.52
N SER B 32 -39.48 -5.63 19.19
CA SER B 32 -40.05 -5.20 20.47
C SER B 32 -39.99 -6.34 21.49
N LEU B 33 -38.83 -6.96 21.65
CA LEU B 33 -38.67 -8.09 22.55
C LEU B 33 -38.27 -7.62 23.95
N SER B 34 -38.90 -8.22 24.95
CA SER B 34 -38.49 -7.99 26.32
C SER B 34 -37.14 -8.65 26.57
N PRO B 35 -36.35 -8.13 27.52
CA PRO B 35 -35.00 -8.68 27.74
C PRO B 35 -35.06 -10.13 28.18
N GLY B 36 -34.09 -10.91 27.70
CA GLY B 36 -34.03 -12.33 27.96
C GLY B 36 -34.60 -13.23 26.89
N GLU B 37 -34.97 -12.68 25.74
CA GLU B 37 -35.57 -13.44 24.66
C GLU B 37 -34.59 -13.61 23.51
N ARG B 38 -35.07 -14.20 22.42
CA ARG B 38 -34.27 -14.51 21.24
C ARG B 38 -34.57 -13.52 20.13
N ALA B 39 -33.52 -12.96 19.53
CA ALA B 39 -33.65 -11.92 18.51
C ALA B 39 -33.07 -12.41 17.19
N THR B 40 -33.80 -12.14 16.10
CA THR B 40 -33.38 -12.51 14.75
C THR B 40 -33.46 -11.30 13.82
N LEU B 41 -32.49 -11.20 12.93
CA LEU B 41 -32.43 -10.12 11.94
C LEU B 41 -32.00 -10.70 10.60
N SER B 42 -32.45 -10.08 9.51
CA SER B 42 -32.13 -10.54 8.17
C SER B 42 -31.69 -9.36 7.31
N CYS B 43 -30.77 -9.64 6.38
CA CYS B 43 -30.11 -8.63 5.55
C CYS B 43 -30.15 -9.04 4.08
N ARG B 44 -31.35 -9.33 3.57
CA ARG B 44 -31.48 -9.90 2.23
C ARG B 44 -30.83 -9.00 1.18
N ALA B 45 -30.20 -9.62 0.19
CA ALA B 45 -29.44 -8.91 -0.82
C ALA B 45 -30.06 -9.09 -2.20
N SER B 46 -29.92 -8.06 -3.03
CA SER B 46 -30.50 -8.10 -4.38
C SER B 46 -29.80 -9.13 -5.25
N GLN B 47 -28.47 -9.14 -5.26
CA GLN B 47 -27.68 -10.07 -6.05
C GLN B 47 -26.75 -10.87 -5.14
N SER B 48 -26.20 -11.94 -5.68
CA SER B 48 -25.30 -12.78 -4.90
C SER B 48 -24.03 -12.02 -4.54
N VAL B 49 -23.60 -12.18 -3.29
CA VAL B 49 -22.37 -11.57 -2.79
C VAL B 49 -21.56 -12.63 -2.08
N SER B 50 -20.24 -12.53 -2.18
CA SER B 50 -19.36 -13.50 -1.52
C SER B 50 -19.56 -13.45 -0.02
N SER B 51 -19.64 -14.64 0.59
CA SER B 51 -19.82 -14.71 2.04
C SER B 51 -18.60 -14.21 2.80
N SER B 52 -17.46 -14.06 2.13
CA SER B 52 -16.25 -13.59 2.79
C SER B 52 -16.26 -12.09 3.05
N TYR B 53 -17.19 -11.34 2.45
CA TYR B 53 -17.24 -9.88 2.57
C TYR B 53 -18.67 -9.46 2.95
N LEU B 54 -18.92 -9.38 4.25
CA LEU B 54 -20.16 -8.87 4.81
C LEU B 54 -19.94 -8.66 6.30
N ALA B 55 -20.44 -7.54 6.82
CA ALA B 55 -20.19 -7.17 8.20
C ALA B 55 -21.47 -6.67 8.85
N TRP B 56 -21.58 -6.91 10.15
CA TRP B 56 -22.68 -6.43 10.98
C TRP B 56 -22.16 -5.45 12.01
N TYR B 57 -22.74 -4.26 12.06
CA TYR B 57 -22.33 -3.21 12.97
C TYR B 57 -23.46 -2.86 13.93
N GLN B 58 -23.08 -2.47 15.13
CA GLN B 58 -24.01 -2.02 16.17
C GLN B 58 -23.80 -0.54 16.44
N GLN B 59 -24.89 0.21 16.52
CA GLN B 59 -24.86 1.67 16.63
C GLN B 59 -25.72 2.09 17.81
N LYS B 60 -25.08 2.56 18.87
CA LYS B 60 -25.76 3.15 20.00
C LYS B 60 -26.10 4.61 19.70
N PRO B 61 -27.09 5.17 20.37
CA PRO B 61 -27.46 6.58 20.10
C PRO B 61 -26.32 7.52 20.46
N GLY B 62 -25.93 8.33 19.48
CA GLY B 62 -24.84 9.29 19.66
C GLY B 62 -23.48 8.67 19.86
N GLN B 63 -23.19 7.55 19.19
CA GLN B 63 -21.91 6.88 19.29
C GLN B 63 -21.51 6.35 17.93
N ALA B 64 -20.20 6.15 17.76
CA ALA B 64 -19.70 5.56 16.54
C ALA B 64 -20.06 4.06 16.49
N PRO B 65 -20.31 3.52 15.31
CA PRO B 65 -20.62 2.09 15.20
C PRO B 65 -19.41 1.23 15.49
N ARG B 66 -19.68 -0.02 15.86
CA ARG B 66 -18.64 -0.99 16.15
C ARG B 66 -18.93 -2.30 15.44
N LEU B 67 -17.86 -3.02 15.09
CA LEU B 67 -17.97 -4.23 14.28
C LEU B 67 -18.22 -5.43 15.17
N LEU B 68 -19.32 -6.14 14.91
CA LEU B 68 -19.68 -7.34 15.67
C LEU B 68 -19.22 -8.61 14.96
N ILE B 69 -19.71 -8.85 13.74
CA ILE B 69 -19.38 -10.05 12.98
C ILE B 69 -18.87 -9.62 11.60
N TYR B 70 -17.72 -10.17 11.22
CA TYR B 70 -17.15 -9.97 9.89
C TYR B 70 -17.00 -11.32 9.21
N GLY B 71 -17.21 -11.35 7.90
CA GLY B 71 -17.20 -12.59 7.16
C GLY B 71 -18.47 -13.41 7.29
N ALA B 72 -19.50 -12.85 7.94
CA ALA B 72 -20.84 -13.45 8.04
C ALA B 72 -20.88 -14.66 8.97
N SER B 73 -19.72 -15.09 9.46
CA SER B 73 -19.68 -16.21 10.40
C SER B 73 -18.76 -16.02 11.58
N SER B 74 -17.76 -15.15 11.52
CA SER B 74 -16.75 -15.02 12.56
C SER B 74 -16.99 -13.75 13.37
N ARG B 75 -17.03 -13.89 14.69
CA ARG B 75 -17.18 -12.74 15.57
C ARG B 75 -15.87 -11.96 15.65
N ALA B 76 -16.00 -10.68 16.00
CA ALA B 76 -14.84 -9.84 16.21
C ALA B 76 -14.22 -10.12 17.59
N THR B 77 -13.02 -9.58 17.79
CA THR B 77 -12.31 -9.80 19.05
C THR B 77 -13.03 -9.13 20.20
N GLY B 78 -13.06 -9.81 21.35
CA GLY B 78 -13.70 -9.25 22.52
C GLY B 78 -15.20 -9.07 22.40
N ILE B 79 -15.89 -10.07 21.86
CA ILE B 79 -17.33 -10.02 21.65
C ILE B 79 -17.94 -11.23 22.34
N PRO B 80 -19.01 -11.08 23.12
CA PRO B 80 -19.63 -12.23 23.77
C PRO B 80 -20.19 -13.21 22.74
N ASP B 81 -20.25 -14.49 23.15
CA ASP B 81 -20.71 -15.55 22.26
C ASP B 81 -22.21 -15.50 22.00
N ARG B 82 -22.92 -14.49 22.49
CA ARG B 82 -24.35 -14.39 22.21
C ARG B 82 -24.62 -14.18 20.73
N PHE B 83 -23.83 -13.32 20.09
CA PHE B 83 -23.99 -13.06 18.65
C PHE B 83 -23.37 -14.19 17.85
N SER B 84 -24.13 -14.74 16.91
CA SER B 84 -23.67 -15.88 16.12
C SER B 84 -23.48 -15.54 14.65
N GLY B 85 -24.54 -15.10 13.96
CA GLY B 85 -24.44 -14.84 12.54
C GLY B 85 -24.42 -16.11 11.72
N SER B 86 -25.04 -16.09 10.55
CA SER B 86 -25.09 -17.27 9.67
C SER B 86 -25.55 -16.81 8.29
N GLY B 87 -25.82 -17.76 7.42
CA GLY B 87 -26.34 -17.46 6.10
C GLY B 87 -25.26 -17.32 5.06
N SER B 88 -25.64 -17.56 3.81
CA SER B 88 -24.74 -17.42 2.68
C SER B 88 -25.57 -17.25 1.41
N GLY B 89 -24.92 -16.74 0.37
CA GLY B 89 -25.60 -16.54 -0.89
C GLY B 89 -26.29 -15.20 -0.99
N THR B 90 -27.60 -15.18 -0.75
CA THR B 90 -28.39 -13.95 -0.79
C THR B 90 -29.26 -13.79 0.45
N ASP B 91 -28.98 -14.55 1.51
CA ASP B 91 -29.77 -14.49 2.74
C ASP B 91 -28.83 -14.61 3.92
N PHE B 92 -28.69 -13.52 4.68
CA PHE B 92 -27.82 -13.49 5.85
C PHE B 92 -28.65 -13.10 7.07
N THR B 93 -28.41 -13.81 8.18
CA THR B 93 -29.18 -13.63 9.40
C THR B 93 -28.25 -13.46 10.59
N LEU B 94 -28.73 -12.69 11.57
CA LEU B 94 -28.06 -12.48 12.84
C LEU B 94 -28.97 -12.93 13.97
N THR B 95 -28.42 -13.64 14.94
CA THR B 95 -29.19 -14.23 16.02
C THR B 95 -28.55 -13.89 17.37
N ILE B 96 -29.37 -13.36 18.28
CA ILE B 96 -28.95 -13.05 19.64
C ILE B 96 -29.72 -13.95 20.59
N SER B 97 -28.99 -14.66 21.46
CA SER B 97 -29.61 -15.66 22.32
C SER B 97 -30.41 -15.02 23.44
N ARG B 98 -29.77 -14.22 24.27
CA ARG B 98 -30.44 -13.54 25.39
C ARG B 98 -30.17 -12.05 25.29
N LEU B 99 -31.23 -11.25 25.41
CA LEU B 99 -31.14 -9.80 25.26
C LEU B 99 -30.68 -9.18 26.57
N GLU B 100 -29.41 -8.79 26.61
CA GLU B 100 -28.93 -7.95 27.71
C GLU B 100 -29.56 -6.56 27.58
N PRO B 101 -29.77 -5.87 28.70
CA PRO B 101 -30.36 -4.51 28.63
C PRO B 101 -29.48 -3.51 27.90
N GLU B 102 -28.28 -3.92 27.49
CA GLU B 102 -27.37 -3.08 26.71
C GLU B 102 -27.32 -3.49 25.25
N ASP B 103 -28.17 -4.43 24.81
CA ASP B 103 -28.21 -4.88 23.43
C ASP B 103 -29.32 -4.22 22.63
N PHE B 104 -29.79 -3.05 23.06
CA PHE B 104 -30.86 -2.33 22.39
C PHE B 104 -30.23 -1.16 21.64
N ALA B 105 -29.97 -1.36 20.34
CA ALA B 105 -29.30 -0.37 19.53
C ALA B 105 -29.84 -0.49 18.11
N VAL B 106 -29.12 0.08 17.14
CA VAL B 106 -29.49 0.00 15.73
C VAL B 106 -28.44 -0.83 15.02
N TYR B 107 -28.88 -1.88 14.33
CA TYR B 107 -27.97 -2.82 13.69
C TYR B 107 -27.96 -2.62 12.18
N TYR B 108 -26.77 -2.42 11.63
CA TYR B 108 -26.58 -2.21 10.20
C TYR B 108 -25.80 -3.37 9.63
N CYS B 109 -26.00 -3.65 8.35
CA CYS B 109 -25.24 -4.66 7.63
C CYS B 109 -24.65 -4.03 6.37
N GLN B 110 -23.36 -4.24 6.16
CA GLN B 110 -22.64 -3.64 5.04
C GLN B 110 -21.89 -4.71 4.27
N GLN B 111 -22.01 -4.68 2.94
CA GLN B 111 -21.24 -5.54 2.07
C GLN B 111 -20.17 -4.73 1.36
N TYR B 112 -18.96 -5.28 1.30
CA TYR B 112 -17.84 -4.64 0.61
C TYR B 112 -17.16 -5.63 -0.31
N GLY B 113 -17.96 -6.34 -1.09
CA GLY B 113 -17.44 -7.29 -2.06
C GLY B 113 -17.09 -6.61 -3.38
N ASN B 114 -18.04 -5.91 -3.98
CA ASN B 114 -17.83 -5.19 -5.22
C ASN B 114 -18.35 -3.78 -5.08
N SER B 115 -17.63 -2.83 -5.68
CA SER B 115 -18.00 -1.43 -5.57
C SER B 115 -19.30 -1.15 -6.31
N PRO B 116 -20.16 -0.25 -5.81
CA PRO B 116 -19.98 0.47 -4.55
C PRO B 116 -20.37 -0.37 -3.33
N TRP B 117 -19.84 -0.02 -2.16
CA TRP B 117 -20.16 -0.72 -0.92
C TRP B 117 -21.32 -0.01 -0.24
N THR B 118 -22.41 -0.73 -0.01
CA THR B 118 -23.66 -0.14 0.43
C THR B 118 -24.08 -0.70 1.78
N PHE B 119 -24.59 0.18 2.64
CA PHE B 119 -25.05 -0.21 3.97
C PHE B 119 -26.50 -0.70 3.87
N GLY B 120 -27.11 -0.94 5.04
CA GLY B 120 -28.49 -1.34 5.12
C GLY B 120 -29.37 -0.24 5.69
N GLN B 121 -30.66 -0.57 5.80
CA GLN B 121 -31.63 0.40 6.31
C GLN B 121 -31.46 0.62 7.81
N GLY B 122 -31.28 -0.45 8.56
CA GLY B 122 -31.15 -0.37 10.01
C GLY B 122 -32.37 -1.00 10.68
N THR B 123 -32.11 -1.73 11.76
CA THR B 123 -33.16 -2.38 12.53
C THR B 123 -33.05 -1.94 13.98
N LYS B 124 -34.15 -1.50 14.56
CA LYS B 124 -34.19 -1.01 15.92
C LYS B 124 -34.79 -2.06 16.84
N VAL B 125 -34.13 -2.32 17.96
CA VAL B 125 -34.61 -3.26 18.97
C VAL B 125 -34.99 -2.46 20.22
N GLU B 126 -36.22 -2.66 20.69
CA GLU B 126 -36.76 -1.94 21.82
C GLU B 126 -36.99 -2.91 22.99
N ILE B 127 -37.57 -2.37 24.06
CA ILE B 127 -37.88 -3.18 25.23
C ILE B 127 -39.23 -3.89 25.04
N PHE C 5 51.81 -13.06 -16.06
CA PHE C 5 50.52 -12.58 -16.51
C PHE C 5 50.08 -13.32 -17.78
N PRO C 6 48.77 -13.49 -17.95
CA PRO C 6 48.27 -14.19 -19.14
C PRO C 6 48.53 -13.41 -20.42
N ASN C 7 48.46 -14.11 -21.54
CA ASN C 7 48.77 -13.55 -22.84
C ASN C 7 47.54 -13.05 -23.59
N ILE C 8 46.35 -13.10 -22.97
CA ILE C 8 45.15 -12.61 -23.64
C ILE C 8 45.24 -11.10 -23.83
N THR C 9 44.60 -10.62 -24.90
CA THR C 9 44.71 -9.21 -25.28
C THR C 9 43.40 -8.54 -25.66
N ASN C 10 42.31 -9.28 -25.86
CA ASN C 10 41.08 -8.68 -26.34
C ASN C 10 40.42 -7.84 -25.27
N LEU C 11 39.90 -6.68 -25.66
CA LEU C 11 39.10 -5.86 -24.77
C LEU C 11 37.69 -6.43 -24.66
N CYS C 12 37.11 -6.30 -23.47
CA CYS C 12 35.78 -6.82 -23.24
C CYS C 12 34.83 -5.71 -22.80
N PRO C 13 33.51 -5.90 -22.97
CA PRO C 13 32.59 -4.76 -22.92
C PRO C 13 32.46 -4.07 -21.57
N PHE C 14 32.95 -2.84 -21.50
CA PHE C 14 32.56 -1.86 -20.50
C PHE C 14 31.84 -0.71 -21.19
N ASP C 15 31.49 -0.91 -22.47
CA ASP C 15 30.75 0.05 -23.25
C ASP C 15 29.35 -0.45 -23.59
N GLU C 16 29.08 -1.73 -23.40
CA GLU C 16 27.74 -2.28 -23.54
C GLU C 16 27.02 -2.36 -22.20
N VAL C 17 27.65 -1.86 -21.13
CA VAL C 17 27.05 -1.81 -19.80
C VAL C 17 26.76 -0.37 -19.38
N PHE C 18 27.77 0.49 -19.45
CA PHE C 18 27.58 1.89 -19.09
C PHE C 18 26.87 2.68 -20.18
N ASN C 19 27.07 2.33 -21.44
CA ASN C 19 26.43 3.01 -22.57
C ASN C 19 25.39 2.04 -23.14
N ALA C 20 24.19 2.06 -22.57
CA ALA C 20 23.11 1.19 -22.98
C ALA C 20 21.87 2.02 -23.27
N THR C 21 21.04 1.54 -24.20
CA THR C 21 19.85 2.28 -24.60
C THR C 21 18.82 2.29 -23.48
N ARG C 22 18.65 1.17 -22.78
CA ARG C 22 17.61 1.07 -21.75
C ARG C 22 18.08 0.13 -20.65
N PHE C 23 18.20 0.64 -19.43
CA PHE C 23 18.51 -0.18 -18.28
C PHE C 23 17.29 -0.97 -17.83
N ALA C 24 17.54 -2.10 -17.19
CA ALA C 24 16.46 -2.92 -16.68
C ALA C 24 15.85 -2.29 -15.42
N SER C 25 14.56 -2.54 -15.21
CA SER C 25 13.89 -2.05 -14.03
C SER C 25 14.43 -2.75 -12.78
N VAL C 26 14.29 -2.06 -11.65
CA VAL C 26 14.99 -2.49 -10.43
C VAL C 26 14.45 -3.83 -9.93
N TYR C 27 13.14 -4.06 -10.07
CA TYR C 27 12.56 -5.28 -9.51
C TYR C 27 13.04 -6.53 -10.24
N ALA C 28 13.44 -6.39 -11.51
CA ALA C 28 14.04 -7.47 -12.28
C ALA C 28 15.32 -6.95 -12.91
N TRP C 29 16.42 -6.99 -12.16
CA TRP C 29 17.69 -6.43 -12.61
C TRP C 29 18.46 -7.44 -13.46
N ASN C 30 19.35 -6.91 -14.30
CA ASN C 30 20.07 -7.70 -15.29
C ASN C 30 21.51 -7.88 -14.84
N ARG C 31 21.99 -9.12 -14.89
CA ARG C 31 23.36 -9.45 -14.48
C ARG C 31 24.16 -9.91 -15.68
N LYS C 32 25.42 -9.47 -15.76
CA LYS C 32 26.31 -9.80 -16.86
C LYS C 32 27.64 -10.31 -16.32
N ARG C 33 28.14 -11.38 -16.94
CA ARG C 33 29.41 -11.99 -16.56
C ARG C 33 30.53 -11.47 -17.45
N ILE C 34 31.64 -11.06 -16.83
CA ILE C 34 32.79 -10.53 -17.54
C ILE C 34 33.96 -11.48 -17.31
N SER C 35 34.58 -11.94 -18.39
CA SER C 35 35.67 -12.89 -18.29
C SER C 35 36.56 -12.79 -19.53
N ASN C 36 37.78 -13.30 -19.39
CA ASN C 36 38.77 -13.33 -20.48
C ASN C 36 39.04 -11.92 -21.00
N CYS C 37 39.59 -11.08 -20.13
CA CYS C 37 39.71 -9.66 -20.39
C CYS C 37 41.12 -9.18 -20.12
N VAL C 38 41.52 -8.15 -20.85
CA VAL C 38 42.55 -7.22 -20.41
C VAL C 38 41.77 -5.99 -19.92
N ALA C 39 41.38 -6.02 -18.64
CA ALA C 39 40.41 -5.08 -18.12
C ALA C 39 41.10 -3.84 -17.59
N ASP C 40 40.79 -2.69 -18.19
CA ASP C 40 41.28 -1.40 -17.72
C ASP C 40 40.11 -0.60 -17.17
N TYR C 41 40.24 -0.14 -15.93
CA TYR C 41 39.20 0.63 -15.28
C TYR C 41 39.37 2.13 -15.47
N SER C 42 40.38 2.56 -16.22
CA SER C 42 40.61 3.98 -16.43
C SER C 42 39.57 4.62 -17.35
N VAL C 43 38.85 3.81 -18.14
CA VAL C 43 37.88 4.37 -19.06
C VAL C 43 36.70 4.97 -18.30
N LEU C 44 36.31 4.38 -17.19
CA LEU C 44 35.14 4.82 -16.43
C LEU C 44 35.49 5.83 -15.34
N TYR C 45 36.74 6.27 -15.25
CA TYR C 45 37.10 7.22 -14.20
C TYR C 45 36.45 8.57 -14.40
N ASN C 46 36.24 8.99 -15.64
CA ASN C 46 35.67 10.32 -15.88
C ASN C 46 34.14 10.26 -16.01
N LEU C 47 33.65 9.65 -17.10
CA LEU C 47 32.27 9.19 -17.28
C LEU C 47 31.24 10.07 -16.56
N ALA C 48 31.22 11.37 -16.86
CA ALA C 48 30.27 12.32 -16.28
C ALA C 48 30.49 12.50 -14.77
N PRO C 49 29.96 13.56 -14.16
CA PRO C 49 30.22 13.78 -12.72
C PRO C 49 29.51 12.77 -11.82
N PHE C 50 30.14 11.61 -11.62
CA PHE C 50 29.63 10.56 -10.73
C PHE C 50 29.03 11.13 -9.46
N PHE C 51 27.82 10.69 -9.15
CA PHE C 51 27.17 11.00 -7.88
C PHE C 51 27.65 10.11 -6.74
N THR C 52 28.21 8.94 -7.06
CA THR C 52 28.67 8.00 -6.05
C THR C 52 29.77 7.13 -6.64
N PHE C 53 30.82 6.89 -5.87
CA PHE C 53 31.87 5.95 -6.26
C PHE C 53 32.50 5.42 -4.97
N LYS C 54 32.06 4.24 -4.55
CA LYS C 54 32.55 3.61 -3.33
C LYS C 54 32.75 2.13 -3.61
N CYS C 55 33.91 1.59 -3.23
CA CYS C 55 34.30 0.25 -3.68
C CYS C 55 34.34 -0.79 -2.57
N TYR C 56 34.26 -0.39 -1.30
CA TYR C 56 33.97 -1.30 -0.18
C TYR C 56 34.94 -2.50 -0.15
N GLY C 57 36.20 -2.20 0.13
CA GLY C 57 37.18 -3.24 0.38
C GLY C 57 38.44 -3.18 -0.46
N VAL C 58 38.52 -2.29 -1.44
CA VAL C 58 39.71 -2.12 -2.24
C VAL C 58 39.75 -0.67 -2.73
N SER C 59 40.93 -0.07 -2.68
CA SER C 59 41.08 1.32 -3.07
C SER C 59 40.86 1.44 -4.58
N PRO C 60 39.97 2.31 -5.04
CA PRO C 60 39.71 2.40 -6.49
C PRO C 60 40.91 2.86 -7.30
N THR C 61 41.89 3.51 -6.68
CA THR C 61 43.06 3.96 -7.41
C THR C 61 43.95 2.80 -7.85
N LYS C 62 43.82 1.63 -7.23
CA LYS C 62 44.57 0.43 -7.61
C LYS C 62 43.57 -0.67 -7.93
N LEU C 63 43.08 -0.67 -9.18
CA LEU C 63 42.20 -1.70 -9.68
C LEU C 63 42.71 -2.39 -10.92
N ASN C 64 43.54 -1.72 -11.73
CA ASN C 64 44.21 -2.34 -12.87
C ASN C 64 45.59 -2.85 -12.49
N ASP C 65 45.77 -3.21 -11.22
CA ASP C 65 47.02 -3.79 -10.73
C ASP C 65 46.74 -5.15 -10.10
N LEU C 66 45.51 -5.65 -10.22
CA LEU C 66 45.11 -6.90 -9.59
C LEU C 66 44.45 -7.80 -10.63
N CYS C 67 44.45 -9.10 -10.33
CA CYS C 67 43.80 -10.10 -11.15
C CYS C 67 42.63 -10.68 -10.35
N PHE C 68 41.43 -10.62 -10.94
CA PHE C 68 40.21 -11.08 -10.30
C PHE C 68 39.73 -12.38 -10.94
N THR C 69 38.62 -12.88 -10.42
CA THR C 69 37.92 -14.02 -10.97
C THR C 69 36.44 -13.71 -11.04
N ASN C 70 35.79 -14.20 -12.09
CA ASN C 70 34.33 -14.15 -12.29
C ASN C 70 33.73 -12.81 -11.86
N VAL C 71 34.14 -11.75 -12.54
CA VAL C 71 33.56 -10.43 -12.32
C VAL C 71 32.12 -10.42 -12.83
N TYR C 72 31.21 -9.90 -12.01
CA TYR C 72 29.80 -9.82 -12.37
C TYR C 72 29.33 -8.38 -12.22
N ALA C 73 28.81 -7.80 -13.29
CA ALA C 73 28.31 -6.43 -13.29
C ALA C 73 26.81 -6.45 -13.55
N ASP C 74 26.04 -5.83 -12.65
CA ASP C 74 24.60 -5.79 -12.80
C ASP C 74 24.08 -4.36 -12.56
N SER C 75 23.04 -4.01 -13.32
CA SER C 75 22.60 -2.63 -13.45
C SER C 75 21.09 -2.53 -13.35
N PHE C 76 20.63 -1.34 -12.97
CA PHE C 76 19.21 -1.01 -12.84
C PHE C 76 19.11 0.50 -12.73
N VAL C 77 17.90 0.99 -12.46
CA VAL C 77 17.63 2.42 -12.36
C VAL C 77 16.83 2.70 -11.10
N ILE C 78 17.17 3.79 -10.41
CA ILE C 78 16.63 4.11 -9.10
C ILE C 78 15.94 5.47 -9.19
N ARG C 79 15.01 5.70 -8.24
CA ARG C 79 14.14 6.87 -8.31
C ARG C 79 14.93 8.18 -8.22
N GLY C 80 15.90 8.23 -7.31
CA GLY C 80 16.50 9.52 -6.98
C GLY C 80 17.38 9.44 -5.76
N ASP C 81 17.11 10.30 -4.77
CA ASP C 81 17.85 10.22 -3.51
C ASP C 81 17.41 8.98 -2.76
N GLU C 82 17.70 7.83 -3.34
CA GLU C 82 17.38 6.52 -2.80
C GLU C 82 18.53 5.55 -2.96
N VAL C 83 19.58 5.91 -3.71
CA VAL C 83 20.76 5.10 -3.91
C VAL C 83 21.55 5.00 -2.61
N ARG C 84 21.11 5.73 -1.59
CA ARG C 84 21.70 5.61 -0.26
C ARG C 84 21.51 4.23 0.33
N GLN C 85 20.51 3.47 -0.15
CA GLN C 85 20.22 2.16 0.38
C GLN C 85 21.02 1.05 -0.29
N ILE C 86 21.80 1.36 -1.32
CA ILE C 86 22.58 0.33 -2.00
C ILE C 86 23.85 -0.04 -1.23
N ALA C 87 24.21 0.72 -0.20
CA ALA C 87 25.34 0.36 0.64
C ALA C 87 25.00 -0.89 1.46
N PRO C 88 25.98 -1.74 1.72
CA PRO C 88 25.72 -2.95 2.50
C PRO C 88 25.36 -2.64 3.95
N GLY C 89 24.54 -3.50 4.52
CA GLY C 89 24.26 -3.49 5.94
C GLY C 89 23.18 -2.53 6.40
N GLN C 90 22.41 -1.93 5.49
CA GLN C 90 21.33 -1.03 5.88
C GLN C 90 20.07 -1.40 5.12
N THR C 91 18.92 -1.13 5.76
CA THR C 91 17.62 -1.54 5.27
C THR C 91 16.85 -0.34 4.74
N GLY C 92 15.68 -0.62 4.19
CA GLY C 92 14.84 0.40 3.60
C GLY C 92 13.76 -0.21 2.75
N ASN C 93 13.06 0.65 2.01
CA ASN C 93 11.98 0.18 1.16
C ASN C 93 12.48 -0.65 -0.01
N ILE C 94 13.63 -0.27 -0.58
CA ILE C 94 14.15 -0.93 -1.77
C ILE C 94 15.22 -1.96 -1.44
N ALA C 95 15.80 -1.92 -0.24
CA ALA C 95 16.76 -2.93 0.20
C ALA C 95 16.08 -4.13 0.82
N ASP C 96 14.76 -4.13 0.93
CA ASP C 96 14.02 -5.23 1.54
C ASP C 96 13.30 -6.10 0.52
N TYR C 97 12.79 -5.51 -0.57
CA TYR C 97 11.97 -6.24 -1.52
C TYR C 97 12.52 -6.26 -2.94
N ASN C 98 13.53 -5.45 -3.26
CA ASN C 98 14.00 -5.32 -4.63
C ASN C 98 15.43 -5.83 -4.82
N TYR C 99 16.38 -5.32 -4.03
CA TYR C 99 17.78 -5.65 -4.24
C TYR C 99 18.55 -5.46 -2.94
N LYS C 100 19.24 -6.51 -2.49
CA LYS C 100 19.96 -6.48 -1.23
C LYS C 100 21.36 -7.05 -1.40
N LEU C 101 22.37 -6.29 -0.96
CA LEU C 101 23.79 -6.62 -0.91
C LEU C 101 24.11 -7.37 0.37
N PRO C 102 25.13 -8.23 0.37
CA PRO C 102 25.47 -8.97 1.59
C PRO C 102 26.13 -8.07 2.63
N ASP C 103 26.45 -8.65 3.79
CA ASP C 103 27.14 -7.89 4.83
C ASP C 103 28.61 -7.64 4.49
N ASP C 104 29.20 -8.50 3.65
CA ASP C 104 30.57 -8.32 3.18
C ASP C 104 30.55 -8.15 1.67
N PHE C 105 31.07 -7.03 1.19
CA PHE C 105 31.04 -6.70 -0.22
C PHE C 105 32.45 -6.39 -0.71
N THR C 106 32.67 -6.59 -2.00
CA THR C 106 33.97 -6.33 -2.62
C THR C 106 33.76 -5.68 -4.00
N GLY C 107 32.90 -4.67 -4.07
CA GLY C 107 32.59 -4.07 -5.36
C GLY C 107 32.22 -2.60 -5.24
N CYS C 108 32.14 -1.96 -6.39
CA CYS C 108 31.90 -0.52 -6.50
C CYS C 108 30.46 -0.24 -6.95
N VAL C 109 29.98 0.96 -6.62
CA VAL C 109 28.55 1.27 -6.65
C VAL C 109 28.27 2.48 -7.55
N ILE C 110 28.97 2.58 -8.68
CA ILE C 110 28.83 3.69 -9.63
C ILE C 110 27.37 4.04 -9.91
N ALA C 111 27.07 5.33 -9.95
CA ALA C 111 25.73 5.84 -10.29
C ALA C 111 25.87 7.30 -10.72
N TRP C 112 25.16 7.69 -11.79
CA TRP C 112 25.54 8.94 -12.45
C TRP C 112 24.38 9.81 -12.94
N ASN C 113 23.20 9.69 -12.36
CA ASN C 113 22.15 10.72 -12.45
C ASN C 113 21.82 11.09 -13.91
N SER C 114 21.20 10.14 -14.61
CA SER C 114 20.72 10.42 -15.95
C SER C 114 19.32 11.03 -15.89
N ASN C 115 19.14 12.19 -16.51
CA ASN C 115 17.83 12.79 -16.68
C ASN C 115 17.48 13.12 -18.12
N LYS C 116 18.44 13.11 -19.05
CA LYS C 116 18.19 13.40 -20.45
C LYS C 116 17.81 12.16 -21.24
N LEU C 117 17.71 11.00 -20.57
CA LEU C 117 17.37 9.75 -21.22
C LEU C 117 16.15 9.06 -20.62
N ASP C 118 16.00 9.07 -19.31
CA ASP C 118 14.94 8.34 -18.63
C ASP C 118 13.72 9.20 -18.31
N SER C 119 13.74 10.48 -18.65
CA SER C 119 12.61 11.37 -18.42
C SER C 119 12.02 11.76 -19.76
N LYS C 120 10.77 11.36 -20.00
CA LYS C 120 10.16 11.58 -21.31
C LYS C 120 9.86 13.04 -21.54
N VAL C 121 9.15 13.68 -20.59
CA VAL C 121 8.54 15.01 -20.53
C VAL C 121 7.03 14.78 -20.48
N SER C 122 6.60 13.56 -20.80
CA SER C 122 5.20 13.23 -20.81
C SER C 122 4.82 12.25 -19.72
N GLY C 123 4.65 10.98 -20.08
CA GLY C 123 4.35 9.95 -19.10
C GLY C 123 5.26 8.75 -19.30
N ASN C 124 5.99 8.43 -18.24
CA ASN C 124 6.98 7.35 -18.26
C ASN C 124 6.53 6.27 -17.30
N TYR C 125 5.99 5.17 -17.84
CA TYR C 125 5.41 4.10 -17.05
C TYR C 125 6.05 2.75 -17.38
N ASN C 126 7.36 2.75 -17.62
CA ASN C 126 8.07 1.51 -17.95
C ASN C 126 9.18 1.21 -16.96
N TYR C 127 9.16 1.83 -15.79
CA TYR C 127 10.13 1.57 -14.73
C TYR C 127 9.35 1.26 -13.46
N LEU C 128 9.26 -0.01 -13.11
CA LEU C 128 8.44 -0.48 -11.98
C LEU C 128 9.32 -0.90 -10.82
N TYR C 129 8.68 -1.07 -9.67
CA TYR C 129 9.37 -1.53 -8.46
C TYR C 129 8.36 -2.18 -7.53
N ARG C 130 8.79 -3.25 -6.86
CA ARG C 130 7.91 -3.94 -5.93
C ARG C 130 7.60 -3.06 -4.73
N LEU C 131 6.39 -3.25 -4.18
CA LEU C 131 5.96 -2.43 -3.06
C LEU C 131 5.47 -3.29 -1.90
N PHE C 132 4.84 -4.42 -2.22
CA PHE C 132 4.28 -5.32 -1.22
C PHE C 132 4.98 -6.66 -1.29
N ARG C 133 5.34 -7.21 -0.13
CA ARG C 133 5.94 -8.53 -0.06
C ARG C 133 5.80 -9.07 1.35
N LYS C 134 5.67 -10.39 1.47
CA LYS C 134 5.46 -11.01 2.77
C LYS C 134 6.68 -10.86 3.67
N SER C 135 7.87 -11.13 3.13
CA SER C 135 9.09 -11.14 3.94
C SER C 135 10.22 -10.48 3.17
N ASN C 136 11.28 -10.15 3.90
CA ASN C 136 12.43 -9.50 3.30
C ASN C 136 13.17 -10.45 2.35
N LEU C 137 13.98 -9.88 1.48
CA LEU C 137 14.73 -10.66 0.50
C LEU C 137 15.95 -11.31 1.15
N LYS C 138 16.79 -11.92 0.33
CA LYS C 138 18.03 -12.55 0.72
C LYS C 138 19.13 -12.00 -0.16
N PRO C 139 20.36 -11.89 0.35
CA PRO C 139 21.43 -11.27 -0.44
C PRO C 139 21.59 -11.89 -1.82
N PHE C 140 21.53 -11.02 -2.84
CA PHE C 140 21.68 -11.41 -4.24
C PHE C 140 20.60 -12.40 -4.67
N GLU C 141 19.34 -12.01 -4.44
CA GLU C 141 18.19 -12.79 -4.87
C GLU C 141 17.27 -11.91 -5.69
N ARG C 142 16.72 -12.46 -6.77
CA ARG C 142 15.83 -11.75 -7.67
C ARG C 142 14.44 -12.33 -7.60
N ASP C 143 13.45 -11.47 -7.37
CA ASP C 143 12.04 -11.86 -7.36
C ASP C 143 11.36 -11.26 -8.57
N ILE C 144 10.71 -12.09 -9.38
CA ILE C 144 10.17 -11.66 -10.66
C ILE C 144 8.68 -11.92 -10.79
N SER C 145 8.09 -12.73 -9.91
CA SER C 145 6.69 -13.08 -10.05
C SER C 145 5.78 -11.88 -9.81
N THR C 146 4.73 -11.78 -10.61
CA THR C 146 3.71 -10.75 -10.49
C THR C 146 2.41 -11.44 -10.10
N GLU C 147 2.21 -11.61 -8.79
CA GLU C 147 1.03 -12.26 -8.26
C GLU C 147 0.34 -11.34 -7.26
N ILE C 148 -0.97 -11.49 -7.15
CA ILE C 148 -1.78 -10.59 -6.32
C ILE C 148 -1.39 -10.80 -4.86
N TYR C 149 -0.94 -9.73 -4.22
CA TYR C 149 -0.60 -9.77 -2.80
C TYR C 149 -1.88 -9.97 -1.98
N GLN C 150 -1.76 -10.76 -0.91
CA GLN C 150 -2.91 -11.12 -0.07
C GLN C 150 -2.55 -10.78 1.38
N ALA C 151 -3.04 -9.63 1.86
CA ALA C 151 -2.78 -9.20 3.23
C ALA C 151 -3.96 -9.56 4.13
N GLY C 152 -4.16 -10.87 4.28
CA GLY C 152 -5.24 -11.35 5.10
C GLY C 152 -5.34 -12.86 5.05
N ASN C 153 -6.35 -13.37 5.75
CA ASN C 153 -6.59 -14.80 5.83
C ASN C 153 -7.60 -15.30 4.79
N LYS C 154 -8.19 -14.39 4.01
CA LYS C 154 -9.18 -14.79 3.00
C LYS C 154 -8.49 -15.03 1.67
N PRO C 155 -8.75 -16.16 1.02
CA PRO C 155 -8.12 -16.41 -0.29
C PRO C 155 -8.60 -15.43 -1.34
N CYS C 156 -7.74 -15.17 -2.32
CA CYS C 156 -8.02 -14.26 -3.41
C CYS C 156 -8.08 -15.05 -4.72
N ASN C 157 -9.12 -14.82 -5.51
CA ASN C 157 -9.32 -15.57 -6.74
C ASN C 157 -8.57 -14.96 -7.92
N GLY C 158 -7.87 -13.86 -7.72
CA GLY C 158 -7.11 -13.21 -8.78
C GLY C 158 -7.59 -11.83 -9.18
N VAL C 159 -8.34 -11.13 -8.33
CA VAL C 159 -8.81 -9.78 -8.62
C VAL C 159 -8.51 -8.90 -7.43
N ALA C 160 -8.38 -7.61 -7.69
CA ALA C 160 -8.04 -6.63 -6.67
C ALA C 160 -9.29 -6.21 -5.91
N GLY C 161 -9.22 -6.27 -4.58
CA GLY C 161 -10.33 -5.89 -3.72
C GLY C 161 -9.84 -5.42 -2.38
N PHE C 162 -10.54 -5.82 -1.33
CA PHE C 162 -10.13 -5.47 0.03
C PHE C 162 -8.97 -6.35 0.46
N ASN C 163 -7.90 -5.72 0.96
CA ASN C 163 -6.64 -6.36 1.33
C ASN C 163 -6.24 -7.47 0.35
N CYS C 164 -6.35 -7.15 -0.93
CA CYS C 164 -6.02 -8.07 -2.02
C CYS C 164 -5.23 -7.31 -3.09
N TYR C 165 -4.19 -6.58 -2.66
CA TYR C 165 -3.57 -5.56 -3.48
C TYR C 165 -2.62 -6.18 -4.49
N PHE C 166 -2.07 -5.34 -5.37
CA PHE C 166 -1.07 -5.57 -6.41
C PHE C 166 0.29 -5.09 -5.95
N PRO C 167 1.38 -5.81 -6.24
CA PRO C 167 2.68 -5.47 -5.65
C PRO C 167 3.46 -4.41 -6.44
N LEU C 168 3.25 -4.32 -7.74
CA LEU C 168 4.10 -3.49 -8.59
C LEU C 168 3.52 -2.09 -8.72
N ARG C 169 4.40 -1.12 -8.97
CA ARG C 169 4.02 0.28 -9.08
C ARG C 169 5.05 1.00 -9.94
N SER C 170 4.57 2.00 -10.69
CA SER C 170 5.42 2.75 -11.62
C SER C 170 6.07 3.94 -10.93
N TYR C 171 7.06 4.52 -11.60
CA TYR C 171 7.82 5.65 -11.06
C TYR C 171 7.30 7.00 -11.57
N SER C 172 7.02 7.11 -12.86
CA SER C 172 6.54 8.35 -13.48
C SER C 172 7.53 9.50 -13.29
N PHE C 173 8.71 9.32 -13.89
CA PHE C 173 9.74 10.35 -13.84
C PHE C 173 9.32 11.55 -14.69
N ARG C 174 9.59 12.74 -14.17
CA ARG C 174 9.28 13.99 -14.85
C ARG C 174 10.48 14.92 -14.81
N PRO C 175 10.68 15.75 -15.83
CA PRO C 175 11.80 16.69 -15.80
C PRO C 175 11.47 17.98 -15.05
N THR C 176 10.80 17.84 -13.91
CA THR C 176 10.45 18.98 -13.08
C THR C 176 10.68 18.76 -11.59
N TYR C 177 10.70 17.50 -11.12
CA TYR C 177 10.71 17.21 -9.69
C TYR C 177 11.98 17.63 -8.98
N GLY C 178 13.03 17.99 -9.71
CA GLY C 178 14.26 18.45 -9.10
C GLY C 178 15.31 17.34 -9.06
N VAL C 179 15.84 17.08 -7.87
CA VAL C 179 16.87 16.07 -7.70
C VAL C 179 16.41 14.90 -6.84
N GLY C 180 15.51 15.13 -5.88
CA GLY C 180 15.03 14.04 -5.05
C GLY C 180 14.32 12.97 -5.84
N HIS C 181 13.50 13.37 -6.81
CA HIS C 181 12.79 12.46 -7.70
C HIS C 181 13.32 12.69 -9.11
N GLN C 182 14.41 12.00 -9.44
CA GLN C 182 15.03 12.16 -10.74
C GLN C 182 15.82 10.89 -11.01
N PRO C 183 15.64 10.27 -12.17
CA PRO C 183 16.17 8.91 -12.39
C PRO C 183 17.68 8.83 -12.23
N TYR C 184 18.14 7.68 -11.73
CA TYR C 184 19.54 7.43 -11.42
C TYR C 184 19.94 6.08 -12.00
N ARG C 185 20.68 6.08 -13.09
CA ARG C 185 21.21 4.83 -13.62
C ARG C 185 22.30 4.33 -12.69
N VAL C 186 22.17 3.08 -12.24
CA VAL C 186 23.06 2.52 -11.22
C VAL C 186 23.66 1.23 -11.75
N VAL C 187 24.97 1.06 -11.55
CA VAL C 187 25.69 -0.16 -11.92
C VAL C 187 26.54 -0.58 -10.74
N VAL C 188 26.36 -1.81 -10.26
CA VAL C 188 27.24 -2.35 -9.23
C VAL C 188 28.01 -3.51 -9.85
N LEU C 189 29.18 -3.78 -9.29
CA LEU C 189 30.18 -4.60 -9.97
C LEU C 189 30.96 -5.37 -8.90
N SER C 190 30.64 -6.65 -8.74
CA SER C 190 31.21 -7.49 -7.70
C SER C 190 32.21 -8.49 -8.28
N PHE C 191 33.34 -8.62 -7.62
CA PHE C 191 34.38 -9.55 -8.04
C PHE C 191 34.99 -10.22 -6.82
N GLU C 192 35.43 -11.47 -7.01
CA GLU C 192 36.05 -12.26 -5.95
C GLU C 192 37.54 -12.38 -6.22
N LEU C 193 38.34 -12.23 -5.17
CA LEU C 193 39.79 -12.22 -5.31
C LEU C 193 40.31 -13.63 -5.63
N LEU C 194 41.63 -13.74 -5.72
CA LEU C 194 42.27 -14.97 -6.18
C LEU C 194 42.06 -16.14 -5.23
N HIS C 195 41.20 -17.08 -5.62
CA HIS C 195 41.08 -18.35 -4.94
C HIS C 195 41.19 -19.45 -5.99
N ALA C 196 40.68 -19.17 -7.18
CA ALA C 196 40.72 -20.01 -8.36
C ALA C 196 41.65 -19.40 -9.41
N PRO C 197 41.92 -20.12 -10.50
CA PRO C 197 42.70 -19.51 -11.59
C PRO C 197 42.06 -18.23 -12.10
N ALA C 198 42.89 -17.24 -12.39
CA ALA C 198 42.43 -15.93 -12.79
C ALA C 198 41.96 -15.91 -14.24
N THR C 199 40.90 -15.15 -14.50
CA THR C 199 40.37 -14.97 -15.85
C THR C 199 40.39 -13.52 -16.31
N VAL C 200 40.21 -12.56 -15.39
CA VAL C 200 40.21 -11.14 -15.71
C VAL C 200 41.43 -10.51 -15.04
N CYS C 201 42.27 -9.85 -15.84
CA CYS C 201 43.48 -9.24 -15.34
C CYS C 201 43.65 -7.85 -15.96
N GLY C 202 44.38 -7.00 -15.26
CA GLY C 202 44.67 -5.68 -15.75
C GLY C 202 45.76 -5.70 -16.81
N PRO C 203 46.01 -4.52 -17.38
CA PRO C 203 47.02 -4.42 -18.45
C PRO C 203 48.42 -4.33 -17.87
N LYS C 204 49.23 -5.35 -18.13
CA LYS C 204 50.61 -5.39 -17.68
C LYS C 204 51.37 -6.39 -18.53
N LYS C 205 52.65 -6.12 -18.78
CA LYS C 205 53.47 -6.98 -19.61
C LYS C 205 53.78 -8.30 -18.92
#